data_8XC2
#
_entry.id   8XC2
#
_cell.length_a   39.827
_cell.length_b   49.215
_cell.length_c   76.748
_cell.angle_alpha   90.000
_cell.angle_beta   90.000
_cell.angle_gamma   90.000
#
_symmetry.space_group_name_H-M   'P 21 21 21'
#
loop_
_entity.id
_entity.type
_entity.pdbx_description
1 polymer Myoglobin
2 non-polymer 'PROTOPORPHYRIN IX CONTAINING FE'
3 non-polymer '4-oxidanylidene-4-(1,10-phenanthrolin-5-ylamino)but-2-enoic acid'
4 non-polymer 'NICKEL (II) ION'
5 water water
#
_entity_poly.entity_id   1
_entity_poly.type   'polypeptide(L)'
_entity_poly.pdbx_seq_one_letter_code
;VLSEGEWQLVLHVWAKVEADVAGHGQDILIRLFKSHPETLEKFDRCKHLKTEAEMKASEDLKKHGVTVLTALGAILKKKG
HHEAELKPLAQSHATKHKIPIKYLEFISEAIIHVLHSRHPGDFGADAQGAMNKALELFRKDIAAKYKELGYQG
;
_entity_poly.pdbx_strand_id   A
#
loop_
_chem_comp.id
_chem_comp.type
_chem_comp.name
_chem_comp.formula
HEM non-polymer 'PROTOPORPHYRIN IX CONTAINING FE' 'C34 H32 Fe N4 O4'
NI non-polymer 'NICKEL (II) ION' 'Ni 2'
Y6C non-polymer '4-oxidanylidene-4-(1,10-phenanthrolin-5-ylamino)but-2-enoic acid' 'C16 H11 N3 O3'
#
# COMPACT_ATOMS: atom_id res chain seq x y z
N VAL A 1 -12.81 -13.55 -2.04
CA VAL A 1 -12.53 -13.74 -3.50
C VAL A 1 -13.11 -12.53 -4.27
N LEU A 2 -12.36 -12.01 -5.23
CA LEU A 2 -12.85 -10.97 -6.16
C LEU A 2 -13.33 -11.69 -7.42
N SER A 3 -14.27 -11.09 -8.13
CA SER A 3 -14.64 -11.54 -9.48
C SER A 3 -13.50 -11.19 -10.45
N GLU A 4 -13.45 -11.85 -11.60
CA GLU A 4 -12.55 -11.41 -12.69
C GLU A 4 -12.82 -9.95 -13.02
N GLY A 5 -14.08 -9.52 -13.11
CA GLY A 5 -14.33 -8.12 -13.45
C GLY A 5 -13.75 -7.16 -12.40
N GLU A 6 -13.89 -7.49 -11.14
CA GLU A 6 -13.31 -6.68 -10.06
C GLU A 6 -11.78 -6.64 -10.20
N TRP A 7 -11.13 -7.78 -10.42
CA TRP A 7 -9.66 -7.79 -10.65
C TRP A 7 -9.32 -6.84 -11.78
N GLN A 8 -10.07 -6.89 -12.90
CA GLN A 8 -9.80 -6.03 -14.07
C GLN A 8 -9.90 -4.54 -13.72
N LEU A 9 -10.85 -4.16 -12.88
CA LEU A 9 -10.97 -2.75 -12.45
C LEU A 9 -9.74 -2.35 -11.63
N VAL A 10 -9.29 -3.29 -10.80
CA VAL A 10 -8.06 -3.09 -9.96
C VAL A 10 -6.87 -2.85 -10.89
N LEU A 11 -6.68 -3.74 -11.85
CA LEU A 11 -5.47 -3.65 -12.69
C LEU A 11 -5.59 -2.50 -13.69
N HIS A 12 -6.81 -2.12 -14.04
CA HIS A 12 -6.98 -0.96 -14.95
C HIS A 12 -6.45 0.34 -14.31
N VAL A 13 -6.87 0.60 -13.07
CA VAL A 13 -6.39 1.82 -12.39
C VAL A 13 -4.89 1.65 -12.05
N TRP A 14 -4.49 0.42 -11.77
CA TRP A 14 -3.07 0.20 -11.42
C TRP A 14 -2.15 0.58 -12.61
N ALA A 15 -2.66 0.41 -13.82
CA ALA A 15 -1.84 0.75 -15.00
C ALA A 15 -1.55 2.26 -14.99
N LYS A 16 -2.46 3.06 -14.46
CA LYS A 16 -2.22 4.51 -14.35
C LYS A 16 -1.11 4.79 -13.35
N VAL A 17 -1.08 4.03 -12.27
CA VAL A 17 0.01 4.17 -11.27
C VAL A 17 1.33 3.85 -11.97
N GLU A 18 1.34 2.82 -12.81
CA GLU A 18 2.60 2.35 -13.44
C GLU A 18 3.18 3.39 -14.41
N ALA A 19 2.38 4.33 -14.89
CA ALA A 19 2.90 5.42 -15.75
C ALA A 19 3.88 6.32 -14.97
N ASP A 20 3.73 6.41 -13.66
CA ASP A 20 4.66 7.20 -12.82
C ASP A 20 4.63 6.63 -11.40
N VAL A 21 5.36 5.55 -11.22
CA VAL A 21 5.31 4.86 -9.91
C VAL A 21 5.86 5.79 -8.80
N ALA A 22 6.95 6.50 -9.10
CA ALA A 22 7.57 7.32 -8.05
C ALA A 22 6.65 8.44 -7.54
N GLY A 23 6.03 9.14 -8.48
CA GLY A 23 5.13 10.24 -8.08
C GLY A 23 3.94 9.72 -7.27
N HIS A 24 3.36 8.60 -7.69
CA HIS A 24 2.26 7.99 -6.91
C HIS A 24 2.77 7.59 -5.53
N GLY A 25 3.96 7.01 -5.52
CA GLY A 25 4.51 6.53 -4.22
C GLY A 25 4.76 7.68 -3.27
N GLN A 26 5.26 8.79 -3.80
CA GLN A 26 5.49 9.99 -2.96
C GLN A 26 4.15 10.46 -2.39
N ASP A 27 3.13 10.56 -3.23
CA ASP A 27 1.86 11.12 -2.72
C ASP A 27 1.30 10.16 -1.68
N ILE A 28 1.43 8.84 -1.91
CA ILE A 28 0.86 7.85 -0.95
C ILE A 28 1.59 7.93 0.38
N LEU A 29 2.91 7.90 0.40
CA LEU A 29 3.67 7.99 1.68
C LEU A 29 3.48 9.34 2.35
N ILE A 30 3.39 10.42 1.60
CA ILE A 30 3.15 11.74 2.25
C ILE A 30 1.76 11.70 2.89
N ARG A 31 0.77 11.16 2.21
CA ARG A 31 -0.59 11.05 2.80
C ARG A 31 -0.52 10.21 4.08
N LEU A 32 0.14 9.07 4.02
CA LEU A 32 0.27 8.19 5.20
C LEU A 32 0.89 8.94 6.37
N PHE A 33 2.03 9.56 6.17
CA PHE A 33 2.75 10.20 7.29
C PHE A 33 2.02 11.43 7.85
N LYS A 34 1.33 12.18 6.99
CA LYS A 34 0.55 13.33 7.46
C LYS A 34 -0.68 12.84 8.24
N SER A 35 -1.36 11.83 7.74
CA SER A 35 -2.61 11.35 8.37
C SER A 35 -2.30 10.53 9.64
N HIS A 36 -1.17 9.84 9.65
CA HIS A 36 -0.83 8.94 10.78
C HIS A 36 0.67 9.11 11.10
N PRO A 37 1.08 10.26 11.70
CA PRO A 37 2.49 10.53 11.90
C PRO A 37 3.24 9.47 12.75
N GLU A 38 2.49 8.73 13.57
CA GLU A 38 3.11 7.66 14.38
C GLU A 38 3.85 6.67 13.48
N THR A 39 3.40 6.52 12.25
CA THR A 39 4.02 5.55 11.30
C THR A 39 5.46 5.93 10.95
N LEU A 40 5.85 7.20 11.06
CA LEU A 40 7.28 7.57 10.96
C LEU A 40 8.15 6.87 12.02
N GLU A 41 7.61 6.47 13.17
CA GLU A 41 8.41 5.88 14.29
C GLU A 41 9.02 4.54 13.86
N LYS A 42 8.54 3.95 12.73
CA LYS A 42 9.04 2.66 12.19
C LYS A 42 10.27 2.91 11.33
N PHE A 43 10.65 4.19 11.16
CA PHE A 43 11.86 4.62 10.42
C PHE A 43 12.71 5.44 11.40
N ASP A 44 13.94 5.78 11.03
CA ASP A 44 14.87 6.53 11.91
C ASP A 44 14.26 7.87 12.31
N ARG A 45 14.46 8.32 13.56
CA ARG A 45 13.92 9.64 13.98
C ARG A 45 14.62 10.78 13.21
N CYS A 46 14.02 11.96 13.23
CA CYS A 46 13.07 12.40 12.16
C CYS A 46 11.72 11.71 12.39
N LYS A 47 11.45 11.32 13.64
CA LYS A 47 10.09 10.81 13.94
C LYS A 47 9.20 12.02 13.72
N HIS A 48 9.80 13.21 13.72
CA HIS A 48 9.06 14.48 13.49
C HIS A 48 8.59 14.61 12.04
N LEU A 49 7.34 15.00 11.84
CA LEU A 49 6.76 15.20 10.49
C LEU A 49 7.45 16.42 9.85
N LYS A 50 8.04 16.22 8.69
CA LYS A 50 8.72 17.34 8.01
C LYS A 50 7.68 18.03 7.14
N THR A 51 8.06 19.13 6.53
CA THR A 51 7.14 19.80 5.59
C THR A 51 6.89 18.91 4.34
N GLU A 52 5.80 19.17 3.65
CA GLU A 52 5.51 18.46 2.38
C GLU A 52 6.64 18.66 1.37
N ALA A 53 7.18 19.87 1.24
CA ALA A 53 8.25 20.08 0.26
C ALA A 53 9.49 19.26 0.61
N GLU A 54 9.85 19.15 1.90
CA GLU A 54 10.99 18.32 2.31
C GLU A 54 10.71 16.86 1.97
N MET A 55 9.47 16.42 2.18
N MET A 55 9.48 16.42 2.16
CA MET A 55 9.10 15.02 1.84
CA MET A 55 9.14 15.01 1.83
C MET A 55 9.22 14.80 0.34
C MET A 55 9.22 14.79 0.32
N LYS A 56 8.81 15.76 -0.48
CA LYS A 56 8.88 15.63 -1.97
C LYS A 56 10.33 15.66 -2.43
N ALA A 57 11.24 16.39 -1.76
CA ALA A 57 12.63 16.51 -2.16
C ALA A 57 13.44 15.29 -1.75
N SER A 58 12.90 14.45 -0.85
CA SER A 58 13.65 13.32 -0.25
C SER A 58 13.91 12.19 -1.27
N GLU A 59 15.16 11.94 -1.62
CA GLU A 59 15.55 10.76 -2.41
C GLU A 59 15.14 9.48 -1.67
N ASP A 60 15.32 9.42 -0.35
CA ASP A 60 14.98 8.19 0.41
C ASP A 60 13.47 7.93 0.34
N LEU A 61 12.64 8.94 0.53
CA LEU A 61 11.17 8.73 0.54
C LEU A 61 10.76 8.28 -0.87
N LYS A 62 11.28 8.88 -1.93
CA LYS A 62 10.91 8.53 -3.32
C LYS A 62 11.31 7.06 -3.54
N LYS A 63 12.49 6.65 -3.09
CA LYS A 63 12.88 5.22 -3.24
C LYS A 63 11.89 4.34 -2.46
N HIS A 64 11.53 4.67 -1.23
CA HIS A 64 10.61 3.83 -0.44
C HIS A 64 9.29 3.69 -1.20
N GLY A 65 8.77 4.78 -1.74
CA GLY A 65 7.45 4.71 -2.39
C GLY A 65 7.48 3.74 -3.58
N VAL A 66 8.59 3.72 -4.30
CA VAL A 66 8.72 2.78 -5.43
C VAL A 66 8.90 1.37 -4.92
N THR A 67 9.65 1.16 -3.82
CA THR A 67 9.79 -0.20 -3.24
C THR A 67 8.42 -0.76 -2.91
N VAL A 68 7.59 0.05 -2.26
CA VAL A 68 6.25 -0.40 -1.84
C VAL A 68 5.40 -0.71 -3.05
N LEU A 69 5.28 0.23 -3.99
CA LEU A 69 4.32 0.08 -5.10
C LEU A 69 4.81 -1.02 -6.06
N THR A 70 6.12 -1.25 -6.18
CA THR A 70 6.60 -2.35 -7.07
C THR A 70 6.08 -3.68 -6.49
N ALA A 71 6.29 -3.87 -5.18
CA ALA A 71 5.91 -5.12 -4.53
C ALA A 71 4.39 -5.27 -4.59
N LEU A 72 3.65 -4.22 -4.22
CA LEU A 72 2.17 -4.30 -4.21
C LEU A 72 1.62 -4.58 -5.62
N GLY A 73 2.18 -3.93 -6.64
CA GLY A 73 1.71 -4.16 -8.02
C GLY A 73 1.91 -5.62 -8.41
N ALA A 74 3.04 -6.21 -8.06
CA ALA A 74 3.27 -7.64 -8.37
C ALA A 74 2.25 -8.50 -7.65
N ILE A 75 1.91 -8.14 -6.40
CA ILE A 75 0.88 -8.89 -5.63
C ILE A 75 -0.47 -8.76 -6.33
N LEU A 76 -0.89 -7.55 -6.70
CA LEU A 76 -2.24 -7.34 -7.30
C LEU A 76 -2.33 -8.08 -8.62
N LYS A 77 -1.24 -8.13 -9.37
CA LYS A 77 -1.31 -8.83 -10.70
C LYS A 77 -1.52 -10.33 -10.52
N LYS A 78 -1.24 -10.87 -9.34
CA LYS A 78 -1.48 -12.31 -9.10
C LYS A 78 -2.97 -12.59 -8.88
N LYS A 79 -3.80 -11.58 -8.71
CA LYS A 79 -5.26 -11.73 -8.55
C LYS A 79 -5.57 -12.73 -7.46
N GLY A 80 -4.96 -12.54 -6.29
CA GLY A 80 -5.22 -13.36 -5.11
C GLY A 80 -4.30 -14.56 -4.99
N HIS A 81 -3.64 -14.95 -6.06
CA HIS A 81 -2.75 -16.15 -6.07
C HIS A 81 -1.35 -15.71 -5.67
N HIS A 82 -1.22 -15.11 -4.49
CA HIS A 82 -0.01 -14.30 -4.15
C HIS A 82 0.75 -14.86 -2.94
N GLU A 83 0.52 -16.12 -2.60
N GLU A 83 0.55 -16.12 -2.57
CA GLU A 83 1.22 -16.78 -1.46
CA GLU A 83 1.23 -16.63 -1.36
C GLU A 83 2.74 -16.56 -1.56
C GLU A 83 2.76 -16.58 -1.54
N ALA A 84 3.32 -16.79 -2.72
CA ALA A 84 4.79 -16.76 -2.86
C ALA A 84 5.33 -15.34 -2.75
N GLU A 85 4.56 -14.36 -3.18
CA GLU A 85 4.99 -12.94 -3.05
C GLU A 85 4.79 -12.43 -1.60
N LEU A 86 3.77 -12.92 -0.91
CA LEU A 86 3.50 -12.45 0.47
C LEU A 86 4.51 -13.07 1.44
N LYS A 87 5.00 -14.27 1.11
CA LYS A 87 5.90 -14.99 2.06
C LYS A 87 7.08 -14.10 2.49
N PRO A 88 7.92 -13.58 1.57
CA PRO A 88 9.05 -12.79 2.03
C PRO A 88 8.64 -11.45 2.65
N LEU A 89 7.49 -10.91 2.26
CA LEU A 89 7.02 -9.60 2.78
C LEU A 89 6.54 -9.81 4.23
N ALA A 90 5.80 -10.87 4.47
CA ALA A 90 5.38 -11.17 5.86
C ALA A 90 6.61 -11.39 6.74
N GLN A 91 7.59 -12.13 6.22
CA GLN A 91 8.81 -12.45 7.02
C GLN A 91 9.44 -11.14 7.53
N SER A 92 9.78 -10.23 6.61
CA SER A 92 10.44 -8.97 7.00
C SER A 92 9.52 -8.08 7.83
N HIS A 93 8.26 -7.97 7.44
CA HIS A 93 7.38 -7.00 8.12
C HIS A 93 6.93 -7.49 9.51
N ALA A 94 6.91 -8.80 9.71
CA ALA A 94 6.57 -9.32 11.05
C ALA A 94 7.78 -9.37 11.97
N THR A 95 8.91 -9.88 11.47
CA THR A 95 10.09 -10.17 12.34
C THR A 95 11.10 -9.02 12.42
N LYS A 96 11.26 -8.23 11.38
CA LYS A 96 12.30 -7.17 11.38
C LYS A 96 11.66 -5.79 11.57
N HIS A 97 10.77 -5.40 10.65
CA HIS A 97 10.20 -4.03 10.71
C HIS A 97 9.10 -3.91 11.77
N LYS A 98 8.39 -5.00 12.04
CA LYS A 98 7.31 -5.03 13.06
C LYS A 98 6.21 -4.03 12.68
N ILE A 99 5.57 -4.31 11.55
CA ILE A 99 4.49 -3.41 11.08
C ILE A 99 3.14 -4.05 11.39
N PRO A 100 2.38 -3.43 12.31
CA PRO A 100 1.09 -3.98 12.66
C PRO A 100 0.07 -3.87 11.52
N ILE A 101 -0.92 -4.75 11.53
CA ILE A 101 -1.97 -4.72 10.50
C ILE A 101 -2.59 -3.32 10.49
N LYS A 102 -2.77 -2.67 11.64
CA LYS A 102 -3.42 -1.33 11.64
C LYS A 102 -2.60 -0.34 10.80
N TYR A 103 -1.27 -0.52 10.66
CA TYR A 103 -0.48 0.39 9.79
C TYR A 103 -0.69 -0.01 8.32
N LEU A 104 -0.92 -1.28 8.03
CA LEU A 104 -1.26 -1.72 6.65
C LEU A 104 -2.64 -1.18 6.30
N GLU A 105 -3.59 -1.10 7.25
CA GLU A 105 -4.87 -0.42 6.99
C GLU A 105 -4.62 1.05 6.65
N PHE A 106 -3.78 1.74 7.42
CA PHE A 106 -3.44 3.16 7.15
C PHE A 106 -2.86 3.29 5.72
N ILE A 107 -1.95 2.43 5.31
CA ILE A 107 -1.33 2.68 3.98
C ILE A 107 -2.35 2.32 2.91
N SER A 108 -3.20 1.34 3.14
CA SER A 108 -4.29 1.00 2.21
C SER A 108 -5.22 2.21 2.02
N GLU A 109 -5.56 2.91 3.12
CA GLU A 109 -6.37 4.14 3.05
C GLU A 109 -5.67 5.19 2.19
N ALA A 110 -4.37 5.34 2.35
CA ALA A 110 -3.58 6.37 1.63
C ALA A 110 -3.57 6.01 0.15
N ILE A 111 -3.41 4.73 -0.20
CA ILE A 111 -3.41 4.31 -1.62
C ILE A 111 -4.77 4.67 -2.21
N ILE A 112 -5.86 4.33 -1.53
N ILE A 112 -5.85 4.27 -1.54
CA ILE A 112 -7.22 4.58 -2.08
CA ILE A 112 -7.25 4.58 -1.94
C ILE A 112 -7.41 6.10 -2.21
C ILE A 112 -7.37 6.08 -2.21
N HIS A 113 -6.94 6.86 -1.28
CA HIS A 113 -7.10 8.33 -1.34
C HIS A 113 -6.40 8.91 -2.57
N VAL A 114 -5.17 8.48 -2.81
CA VAL A 114 -4.39 9.05 -3.94
C VAL A 114 -5.01 8.59 -5.28
N LEU A 115 -5.46 7.34 -5.33
CA LEU A 115 -6.03 6.85 -6.60
C LEU A 115 -7.32 7.63 -6.91
N HIS A 116 -8.12 7.87 -5.88
CA HIS A 116 -9.34 8.67 -6.08
C HIS A 116 -9.00 10.13 -6.47
N SER A 117 -8.00 10.70 -5.83
N SER A 117 -8.00 10.69 -5.85
CA SER A 117 -7.61 12.12 -6.12
CA SER A 117 -7.64 12.11 -6.13
C SER A 117 -7.09 12.26 -7.56
C SER A 117 -7.09 12.27 -7.55
N ARG A 118 -6.28 11.31 -8.02
CA ARG A 118 -5.65 11.44 -9.36
C ARG A 118 -6.45 10.83 -10.52
N HIS A 119 -7.20 9.77 -10.27
CA HIS A 119 -7.85 9.02 -11.38
C HIS A 119 -9.34 8.78 -11.13
N PRO A 120 -10.11 9.83 -10.81
CA PRO A 120 -11.51 9.57 -10.47
C PRO A 120 -12.28 8.90 -11.61
N GLY A 121 -11.94 9.20 -12.85
CA GLY A 121 -12.61 8.57 -14.00
C GLY A 121 -12.41 7.07 -14.07
N ASP A 122 -11.35 6.55 -13.43
CA ASP A 122 -11.02 5.12 -13.37
C ASP A 122 -11.23 4.57 -11.97
N PHE A 123 -11.93 5.34 -11.13
CA PHE A 123 -12.02 5.01 -9.69
C PHE A 123 -13.35 5.46 -9.09
N GLY A 124 -14.42 5.06 -9.78
CA GLY A 124 -15.76 5.26 -9.24
C GLY A 124 -16.06 4.19 -8.20
N ALA A 125 -17.31 4.09 -7.79
CA ALA A 125 -17.64 3.21 -6.66
C ALA A 125 -17.23 1.75 -6.91
N ASP A 126 -17.57 1.23 -8.08
N ASP A 126 -17.58 1.23 -8.08
CA ASP A 126 -17.29 -0.20 -8.36
CA ASP A 126 -17.26 -0.19 -8.41
C ASP A 126 -15.77 -0.46 -8.33
C ASP A 126 -15.77 -0.42 -8.28
N ALA A 127 -14.97 0.46 -8.89
CA ALA A 127 -13.51 0.28 -8.89
C ALA A 127 -12.95 0.48 -7.49
N GLN A 128 -13.48 1.47 -6.77
N GLN A 128 -13.49 1.46 -6.77
CA GLN A 128 -13.04 1.73 -5.37
CA GLN A 128 -13.03 1.73 -5.38
C GLN A 128 -13.31 0.48 -4.56
C GLN A 128 -13.33 0.49 -4.54
N GLY A 129 -14.51 -0.09 -4.72
CA GLY A 129 -14.88 -1.30 -3.97
C GLY A 129 -14.00 -2.49 -4.31
N ALA A 130 -13.65 -2.63 -5.59
CA ALA A 130 -12.77 -3.74 -6.01
C ALA A 130 -11.39 -3.55 -5.38
N MET A 131 -10.88 -2.32 -5.42
CA MET A 131 -9.54 -2.06 -4.82
C MET A 131 -9.62 -2.26 -3.32
N ASN A 132 -10.72 -1.86 -2.66
CA ASN A 132 -10.90 -2.11 -1.20
C ASN A 132 -10.82 -3.62 -0.96
N LYS A 133 -11.52 -4.44 -1.73
CA LYS A 133 -11.53 -5.90 -1.55
C LYS A 133 -10.13 -6.44 -1.77
N ALA A 134 -9.42 -5.96 -2.77
CA ALA A 134 -8.08 -6.49 -3.10
C ALA A 134 -7.12 -6.21 -1.96
N LEU A 135 -7.16 -5.01 -1.40
CA LEU A 135 -6.31 -4.62 -0.27
C LEU A 135 -6.77 -5.29 1.01
N GLU A 136 -8.05 -5.56 1.20
CA GLU A 136 -8.50 -6.33 2.38
C GLU A 136 -7.96 -7.76 2.27
N LEU A 137 -7.97 -8.34 1.06
CA LEU A 137 -7.47 -9.74 0.92
C LEU A 137 -5.98 -9.78 1.22
N PHE A 138 -5.23 -8.82 0.69
CA PHE A 138 -3.79 -8.71 1.01
C PHE A 138 -3.63 -8.69 2.53
N ARG A 139 -4.33 -7.80 3.24
CA ARG A 139 -4.13 -7.67 4.70
C ARG A 139 -4.54 -8.95 5.45
N LYS A 140 -5.64 -9.56 5.02
CA LYS A 140 -6.08 -10.82 5.67
C LYS A 140 -5.00 -11.89 5.52
N ASP A 141 -4.49 -12.03 4.31
CA ASP A 141 -3.52 -13.12 4.07
C ASP A 141 -2.19 -12.82 4.78
N ILE A 142 -1.78 -11.56 4.79
CA ILE A 142 -0.47 -11.23 5.44
C ILE A 142 -0.60 -11.45 6.96
N ALA A 143 -1.77 -11.15 7.51
CA ALA A 143 -1.99 -11.33 8.96
C ALA A 143 -1.89 -12.82 9.34
N ALA A 144 -2.41 -13.70 8.50
CA ALA A 144 -2.33 -15.14 8.79
C ALA A 144 -0.85 -15.58 8.76
N LYS A 145 -0.07 -15.01 7.84
CA LYS A 145 1.37 -15.34 7.76
C LYS A 145 2.11 -14.73 8.96
N TYR A 146 1.74 -13.52 9.35
CA TYR A 146 2.34 -12.91 10.56
C TYR A 146 2.19 -13.88 11.73
N LYS A 147 0.98 -14.39 11.91
CA LYS A 147 0.71 -15.29 13.06
C LYS A 147 1.54 -16.57 12.93
N GLU A 148 1.67 -17.07 11.71
CA GLU A 148 2.48 -18.30 11.52
C GLU A 148 3.88 -18.06 12.04
N LEU A 149 4.40 -16.84 11.88
CA LEU A 149 5.76 -16.45 12.35
C LEU A 149 5.80 -16.02 13.80
N GLY A 150 4.67 -16.05 14.52
CA GLY A 150 4.62 -15.71 15.94
C GLY A 150 4.35 -14.24 16.23
N TYR A 151 3.99 -13.45 15.20
CA TYR A 151 3.70 -12.01 15.34
C TYR A 151 2.20 -11.79 15.32
N GLN A 152 1.68 -11.25 16.42
CA GLN A 152 0.22 -11.02 16.57
C GLN A 152 -0.18 -9.57 16.27
N GLY A 153 0.66 -8.82 15.57
N GLY A 153 0.57 -8.91 15.38
CA GLY A 153 0.40 -7.38 15.34
CA GLY A 153 0.31 -7.51 15.00
C GLY A 153 -0.61 -7.16 14.24
C GLY A 153 -0.83 -7.41 14.01
CHA HEM B . 10.73 -2.34 3.54
CHB HEM B . 6.86 -3.40 0.82
CHC HEM B . 4.02 -1.30 4.14
CHD HEM B . 7.86 -0.28 6.80
C1A HEM B . 9.94 -2.85 2.50
C2A HEM B . 10.35 -3.60 1.32
C3A HEM B . 9.30 -3.88 0.55
C4A HEM B . 8.15 -3.30 1.29
CMA HEM B . 9.24 -4.60 -0.72
CAA HEM B . 11.80 -4.02 1.02
CBA HEM B . 12.05 -5.51 1.35
CGA HEM B . 11.74 -5.84 2.77
O1A HEM B . 10.76 -6.61 2.89
O2A HEM B . 12.33 -5.33 3.77
C1B HEM B . 5.74 -2.94 1.53
C2B HEM B . 4.43 -3.07 1.00
C3B HEM B . 3.58 -2.44 1.92
C4B HEM B . 4.42 -1.99 3.00
CMB HEM B . 3.95 -3.73 -0.26
CAB HEM B . 2.14 -2.25 1.88
CBB HEM B . 1.39 -2.12 0.84
C1C HEM B . 4.79 -0.78 5.12
C2C HEM B . 4.37 0.09 6.18
C3C HEM B . 5.49 0.41 6.93
C4C HEM B . 6.58 -0.31 6.33
CMC HEM B . 2.97 0.52 6.35
CAC HEM B . 5.58 1.28 8.13
CBC HEM B . 4.60 2.00 8.72
C1D HEM B . 8.97 -0.80 6.13
C2D HEM B . 10.33 -0.57 6.63
C3D HEM B . 11.13 -1.11 5.72
C4D HEM B . 10.26 -1.68 4.66
CMD HEM B . 10.75 0.16 7.92
CAD HEM B . 12.67 -1.08 5.79
CBD HEM B . 13.13 0.19 5.03
CGD HEM B . 14.64 0.36 5.21
O1D HEM B . 15.12 1.30 4.58
O2D HEM B . 15.33 -0.40 5.99
NA HEM B . 8.57 -2.70 2.43
NB HEM B . 5.72 -2.27 2.68
NC HEM B . 6.10 -1.00 5.24
ND HEM B . 8.95 -1.44 4.95
FE HEM B . 7.36 -1.99 3.89
CAA Y6C C . 15.26 13.26 8.09
CAC Y6C C . 10.82 7.56 6.34
CAD Y6C C . 17.71 6.78 7.00
CAE Y6C C . 11.56 6.58 5.66
CAF Y6C C . 16.91 5.97 6.16
CAG Y6C C . 11.49 8.40 7.18
CAH Y6C C . 17.12 7.76 7.71
CAI Y6C C . 13.65 9.12 8.19
CAM Y6C C . 16.30 14.11 7.38
CAN Y6C C . 14.99 8.94 8.33
CAO Y6C C . 12.89 8.27 7.34
CAP Y6C C . 15.71 7.95 7.59
CAQ Y6C C . 13.55 7.26 6.61
CAR Y6C C . 14.99 7.08 6.75
NAJ Y6C C . 12.88 6.42 5.77
NAK Y6C C . 15.60 6.10 6.03
NAL Y6C C . 15.75 9.83 9.10
OAB Y6C C . 15.97 14.75 6.36
OAM Y6C C . 17.44 14.17 7.87
CAS Y6C C . 16.21 10.97 8.54
CAT Y6C C . 15.42 12.17 8.86
OAS Y6C C . 17.13 11.01 7.70
CAA Y6C D . 16.15 14.21 11.98
CAC Y6C D . 10.97 19.16 16.78
CAD Y6C D . 11.80 18.79 9.94
CAE Y6C D . 10.18 19.87 15.87
CAF Y6C D . 10.83 19.59 10.56
CAG Y6C D . 11.95 18.34 16.30
CAH Y6C D . 12.63 18.05 10.71
CAI Y6C D . 13.14 17.42 14.35
CAM Y6C D . 17.10 14.98 11.13
CAN Y6C D . 13.33 17.35 13.02
CAO Y6C D . 12.15 18.24 14.92
CAP Y6C D . 12.49 18.08 12.12
CAQ Y6C D . 11.31 19.00 14.08
CAR Y6C D . 11.49 18.91 12.65
NAJ Y6C D . 10.33 19.81 14.56
NAK Y6C D . 10.66 19.66 11.87
NAL Y6C D . 14.31 16.45 12.52
OAB Y6C D . 16.64 15.63 10.18
OAM Y6C D . 18.29 14.94 11.43
CAS Y6C D . 13.84 15.24 12.14
CAT Y6C D . 14.82 14.16 11.87
OAS Y6C D . 12.63 15.05 12.02
NI NI E . 14.28 5.42 4.65
#